data_4UY0
#
_entry.id   4UY0
#
_cell.length_a   1.000
_cell.length_b   1.000
_cell.length_c   1.000
_cell.angle_alpha   90.00
_cell.angle_beta   90.00
_cell.angle_gamma   90.00
#
_symmetry.space_group_name_H-M   'P 1'
#
loop_
_entity.id
_entity.type
_entity.pdbx_description
1 polymer 'TUBULIN ALPHA-1B CHAIN'
2 polymer 'TUBULIN BETA-2B CHAIN'
3 polymer 'KINESIN HEAVY CHAIN ISOFORM 5A'
4 non-polymer 'ZINC ION'
5 non-polymer 'MAGNESIUM ION'
6 non-polymer "GUANOSINE-5'-TRIPHOSPHATE"
7 non-polymer "GUANOSINE-5'-DIPHOSPHATE"
8 non-polymer TAXOL
9 non-polymer "ADENOSINE-5'-DIPHOSPHATE"
10 non-polymer 'TETRAFLUOROALUMINATE ION'
11 non-polymer 'PHOSPHOAMINOPHOSPHONIC ACID-ADENYLATE ESTER'
#
loop_
_entity_poly.entity_id
_entity_poly.type
_entity_poly.pdbx_seq_one_letter_code
_entity_poly.pdbx_strand_id
1 'polypeptide(L)'
;MRECISIHVGQAGVQIGNACWELYCLEHGIQPDGQMPSDKTIGGGDDSFNTFFSETGAGKHVPRAVFVDLEPTVIDEVRT
GTYRQLFHPEQLITGKEDAANNYARGHYTIGKEIIDLVLDRIRKLADQCTGLQGFSVFHSFGGGTGSGFTSLLMERLSVD
YGKKSKLEFSIYPAPQVSTAVVEPYNSILTTHTTLEHSDCAFMVDNEAIYDICRRNLDIERPTYTNLNRLIGQIVSSITA
SLRFDGALNVDLTEFQTNLVPYPRGHFPLATYAPVISAEKAYHEQLSVAEITNACFEPANQMVKCDPRHGKYMACCLLYR
GDVVPKDVNAAIATIKTKRTIQFVDWCPTGFKVGINYEPPTVVPGGDLAKVQRAVCMLSNTTAIAEAWARLDHKFDLMYA
KRAFVHWYVGEGMEEGEFSEAREDMAALEKDYEEVGVDSVEGEGEEEGEEY
;
A
2 'polypeptide(L)'
;REIVHIQAGQCGNQIGAKFWEVISDEHGIDPTGSYHGDSDLQLERINVYYNEAAGNKYVPRAILVDLEPGTMDSVRSGPF
GQIFRPDNFVFGQSGAGNNWAKGHYTEGAELVDSVLDVVRKESESCDCLQGFQLTHSLGGGTGSGMGTLLISKIREEYPD
RIMNTFSVVPSPKVSDTVVEPYNATLSVHQLVENTDETYCIDNEALYDICFRTLKLTTPTYGDLNHLVSATMSGVTTCLR
FPGQLNADLRKLAVNMVPFPRLHFFMPGFAPLTSRGSQQYRALTVPELTQQMFDAKNMMAACDPRHGRYLTVAAVFRGRM
SMKEVDEQMLNVQNKNSSYFVEWIPNNVKTAVCDIPPRGLKMSATFIGNSTAIQELFKRISEQFTAMFRRKAFLHWYTGE
GMDEMEFTEAESNMNDLVSEYQQYQD
;
B
3 'polypeptide(L)'
;MAETNNECSIKVLCRFRPLNQAEILRGDKFIPIFQGDDSVVIGGKPYVFDRVFPPNTTQEQVYHACAMQIVKDVLAGYNG
TIFAYGQTSSGKTHTMEGKLHDPQLMGIIPRIARDIFNHIYSMDENLEFHIKVSYFEIYLDKIRDLLDVTKTNLSVHEDK
NRVPFVKGCTERFVSSPEEILDVIDEGKSNRHVAVTNMNEHSSRSHSIFLINIKQENMETEQKLSGKLYLVDLAGSEKVS
KTGAEGAVLDEAKNINKSLSALGNVISALAEGTKSYVPYRDSKMTRILQDSLGGNCRTTMFICCSPSSYNDAETKSTLMF
GQRAKTIKNTASVNLELTAE
;
C
#
# COMPACT_ATOMS: atom_id res chain seq x y z
CA ARG A 2 35.10 16.43 -14.12
CA GLU A 3 32.81 13.39 -14.30
CA CYS A 4 29.25 12.79 -13.13
CA ILE A 5 28.13 9.36 -11.94
CA SER A 6 24.53 8.31 -12.53
CA ILE A 7 22.16 6.15 -10.53
CA HIS A 8 19.17 4.90 -12.48
CA VAL A 9 16.58 3.93 -9.87
CA GLY A 10 13.26 2.18 -10.42
CA GLN A 11 12.23 0.06 -13.39
CA ALA A 12 11.42 3.24 -15.26
CA GLY A 13 14.60 5.08 -14.31
CA VAL A 14 16.23 1.93 -15.62
CA GLN A 15 14.28 1.76 -18.91
CA ILE A 16 15.01 5.43 -19.48
CA GLY A 17 18.49 4.54 -18.33
CA ASN A 18 18.98 1.82 -20.90
CA ALA A 19 17.78 4.43 -23.42
CA CYS A 20 19.91 7.41 -22.40
CA TRP A 21 22.68 4.89 -22.08
CA GLU A 22 22.03 3.74 -25.61
CA LEU A 23 22.07 7.13 -27.28
CA TYR A 24 25.46 7.51 -25.63
CA CYS A 25 27.71 4.90 -27.19
CA LEU A 26 25.73 5.59 -30.35
CA GLU A 27 27.30 9.05 -30.63
CA HIS A 28 30.68 8.01 -29.22
CA GLY A 29 31.46 5.12 -31.56
CA ILE A 30 31.54 2.52 -28.79
CA GLN A 31 29.50 -0.48 -30.00
CA PRO A 32 27.98 -3.24 -27.74
CA ASP A 33 31.31 -4.32 -26.35
CA GLY A 34 33.85 -1.49 -26.24
CA HIS A 61 34.73 0.65 -22.69
CA VAL A 62 33.02 0.74 -19.28
CA PRO A 63 29.95 2.78 -18.22
CA ARG A 64 30.02 5.05 -15.20
CA ALA A 65 26.74 4.43 -13.43
CA VAL A 66 24.60 1.95 -11.55
CA PHE A 67 21.18 0.30 -11.70
CA VAL A 68 18.84 -0.18 -8.71
CA ASP A 69 15.51 -2.02 -8.46
CA LEU A 70 13.64 -4.23 -6.01
CA GLU A 71 12.11 -6.23 -8.87
CA PRO A 72 14.74 -8.42 -10.52
CA THR A 73 12.99 -9.06 -13.83
CA VAL A 74 13.55 -5.43 -14.94
CA ILE A 75 17.28 -4.95 -14.30
CA ASP A 76 17.43 -8.42 -15.77
CA GLU A 77 16.29 -6.79 -19.03
CA VAL A 78 19.62 -5.00 -18.96
CA ARG A 79 21.15 -8.38 -18.16
CA THR A 80 19.32 -10.19 -20.99
CA GLY A 81 18.64 -7.61 -23.68
CA THR A 82 20.80 -5.16 -25.61
CA TYR A 83 23.79 -3.46 -23.97
CA ARG A 84 24.15 -6.69 -22.03
CA GLN A 85 27.95 -6.90 -21.65
CA LEU A 86 28.59 -3.16 -21.54
CA PHE A 87 27.94 -3.31 -17.79
CA HIS A 88 29.52 -4.90 -14.77
CA PRO A 89 27.24 -7.20 -12.81
CA GLU A 90 28.54 -4.99 -10.03
CA GLN A 91 26.79 -1.78 -11.17
CA LEU A 92 23.54 -3.72 -11.47
CA ILE A 93 21.88 -3.89 -8.04
CA THR A 94 18.72 -5.95 -7.50
CA GLY A 95 16.61 -7.07 -4.57
CA LYS A 96 14.92 -10.29 -5.74
CA GLU A 97 12.37 -9.41 -3.09
CA ASP A 98 9.43 -7.17 -3.81
CA ALA A 99 9.05 -3.81 -5.51
CA ALA A 100 5.71 -2.58 -4.11
CA ASN A 101 4.18 0.49 -5.62
CA ASN A 102 4.46 2.17 -2.30
CA TYR A 103 6.98 4.68 -1.05
CA ALA A 104 7.19 3.47 2.56
CA ARG A 105 8.10 -0.10 1.73
CA GLY A 106 10.63 0.99 -0.84
CA HIS A 107 12.15 3.70 1.32
CA TYR A 108 11.90 2.22 4.81
CA THR A 109 11.16 -1.50 5.23
CA ILE A 110 12.47 -3.22 2.12
CA GLY A 111 14.41 -0.61 0.15
CA LYS A 112 16.56 -0.20 3.26
CA GLU A 113 18.24 -3.58 3.07
CA ILE A 114 19.75 -2.78 -0.34
CA ILE A 115 20.82 0.84 0.15
CA ASP A 116 24.14 0.03 1.87
CA LEU A 117 25.13 -2.17 -1.02
CA VAL A 118 23.78 0.44 -3.42
CA LEU A 119 25.84 3.19 -1.82
CA ASP A 120 28.91 0.98 -1.83
CA ARG A 121 28.96 1.17 -5.62
CA ILE A 122 28.44 4.94 -5.73
CA ARG A 123 31.38 5.06 -3.31
CA LYS A 124 33.36 2.39 -5.14
CA LEU A 125 32.61 3.98 -8.53
CA ALA A 126 33.03 7.45 -7.02
CA ASP A 127 36.54 6.62 -5.86
CA GLN A 128 37.97 5.03 -8.99
CA CYS A 129 37.48 8.30 -10.93
CA THR A 130 39.39 11.63 -10.90
CA GLY A 131 37.84 14.67 -9.23
CA LEU A 132 34.16 14.11 -10.10
CA GLN A 133 31.34 16.67 -10.14
CA GLY A 134 28.27 14.73 -9.08
CA PHE A 135 25.68 12.01 -9.70
CA SER A 136 23.02 12.30 -12.37
CA VAL A 137 20.19 10.36 -10.67
CA PHE A 138 17.40 8.79 -12.77
CA HIS A 139 14.10 8.01 -11.02
CA SER A 140 10.36 7.93 -11.64
CA PHE A 141 8.74 10.01 -8.92
CA GLY A 142 5.57 7.96 -8.58
CA GLY A 143 6.85 4.44 -8.07
CA GLY A 144 7.93 2.20 -5.23
CA THR A 145 11.60 1.64 -5.95
CA GLY A 146 11.77 4.97 -7.70
CA SER A 147 10.17 7.27 -5.17
CA GLY A 148 10.98 5.64 -1.86
CA PHE A 149 14.40 4.10 -2.31
CA THR A 150 16.06 7.04 -4.03
CA SER A 151 14.55 9.22 -1.39
CA LEU A 152 17.07 7.71 0.97
CA LEU A 153 19.73 7.16 -1.70
CA MET A 154 19.92 10.85 -2.51
CA GLU A 155 19.42 11.20 1.21
CA ARG A 156 22.54 9.24 2.08
CA LEU A 157 24.44 11.14 -0.69
CA SER A 158 23.76 14.68 0.46
CA VAL A 159 25.63 13.68 3.60
CA ASP A 160 28.41 11.56 2.15
CA TYR A 161 29.25 14.09 -0.57
CA GLY A 162 27.51 17.31 0.36
CA LYS A 163 30.42 18.83 -1.55
CA LYS A 164 29.11 17.99 -5.04
CA SER A 165 26.24 18.23 -7.48
CA LYS A 166 23.01 16.31 -7.06
CA LEU A 167 21.03 16.77 -10.22
CA GLU A 168 18.19 14.30 -10.23
CA PHE A 169 16.45 13.69 -13.51
CA SER A 170 12.82 12.82 -12.73
CA ILE A 171 9.75 11.68 -14.68
CA TYR A 172 7.04 13.19 -12.55
CA PRO A 173 3.32 12.00 -12.62
CA ALA A 174 1.30 12.41 -15.82
CA PRO A 175 -1.22 15.23 -15.17
CA GLN A 176 -4.26 13.02 -15.94
CA VAL A 177 -2.77 9.84 -17.31
CA SER A 178 -1.15 8.46 -14.18
CA THR A 179 -0.73 4.75 -13.71
CA ALA A 180 -0.39 3.62 -10.10
CA VAL A 181 -3.51 4.23 -8.07
CA VAL A 182 -1.48 5.81 -5.31
CA GLU A 183 1.09 7.71 -7.45
CA PRO A 184 0.67 10.98 -5.47
CA TYR A 185 1.38 9.28 -2.16
CA ASN A 186 4.63 8.14 -3.75
CA SER A 187 5.41 11.52 -5.30
CA ILE A 188 4.57 13.89 -2.52
CA LEU A 189 6.92 11.66 -0.56
CA THR A 190 9.83 11.55 -2.95
CA THR A 191 9.68 15.32 -3.28
CA HIS A 192 9.78 16.16 0.42
CA THR A 193 12.54 13.72 1.24
CA THR A 194 14.71 14.60 -1.75
CA LEU A 195 14.00 18.35 -1.66
CA GLU A 196 16.51 18.99 1.07
CA HIS A 197 19.09 16.90 -0.78
CA SER A 198 19.13 17.62 -4.51
CA ASP A 199 20.98 20.36 -6.34
CA CYS A 200 18.81 20.67 -9.44
CA ALA A 201 15.96 18.34 -10.29
CA PHE A 202 15.21 18.04 -14.00
CA MET A 203 11.67 17.14 -14.89
CA VAL A 204 10.21 15.37 -17.91
CA ASP A 205 6.46 14.73 -17.92
CA ASN A 206 5.53 11.35 -19.35
CA GLU A 207 2.17 12.51 -20.80
CA ALA A 208 3.25 15.91 -22.08
CA ILE A 209 5.86 13.95 -24.06
CA TYR A 210 3.17 11.88 -25.74
CA ASP A 211 1.66 15.05 -27.11
CA ILE A 212 4.99 15.68 -28.73
CA CYS A 213 4.76 12.17 -30.21
CA ARG A 214 1.26 12.86 -31.49
CA ARG A 215 1.59 16.54 -32.47
CA ASN A 216 5.27 16.90 -33.32
CA LEU A 217 6.20 13.62 -34.91
CA ASP A 218 2.85 11.97 -35.52
CA ILE A 219 2.46 8.45 -34.11
CA GLU A 220 -0.31 6.98 -31.96
CA ARG A 221 2.04 4.03 -31.52
CA PRO A 222 4.51 5.46 -28.98
CA THR A 223 6.14 2.63 -27.07
CA TYR A 224 7.74 3.47 -23.74
CA THR A 225 10.87 2.69 -25.71
CA ASN A 226 10.27 5.99 -27.48
CA LEU A 227 9.68 8.44 -24.67
CA ASN A 228 12.92 6.97 -23.47
CA ARG A 229 14.65 7.78 -26.78
CA LEU A 230 13.43 11.28 -26.30
CA ILE A 231 14.56 11.98 -22.78
CA GLY A 232 17.39 9.80 -24.00
CA GLN A 233 18.00 12.80 -26.24
CA ILE A 234 17.34 15.81 -24.02
CA VAL A 235 19.61 14.11 -21.48
CA SER A 236 22.36 13.62 -24.03
CA SER A 237 22.34 17.37 -24.36
CA ILE A 238 22.83 17.80 -20.65
CA THR A 239 25.82 15.62 -19.70
CA ALA A 240 27.19 13.84 -22.76
CA SER A 241 27.85 16.77 -25.11
CA LEU A 242 28.20 19.45 -22.46
CA ARG A 243 30.92 17.65 -20.52
CA PHE A 244 32.24 17.56 -24.09
CA ASP A 245 34.39 20.49 -25.36
CA GLY A 246 32.72 23.30 -27.24
CA ALA A 247 32.55 27.02 -28.02
CA LEU A 248 30.73 27.81 -24.77
CA ASN A 249 31.14 24.91 -22.31
CA VAL A 250 28.81 24.54 -19.34
CA ASP A 251 29.85 22.47 -16.32
CA LEU A 252 27.30 20.62 -14.16
CA THR A 253 27.88 23.00 -11.32
CA GLU A 254 27.18 25.74 -13.89
CA PHE A 255 23.60 24.52 -14.01
CA GLN A 256 22.53 24.62 -10.41
CA THR A 257 24.34 27.97 -10.22
CA ASN A 258 22.83 29.58 -13.28
CA LEU A 259 19.63 27.54 -12.79
CA VAL A 260 18.49 27.57 -9.17
CA PRO A 261 17.64 30.87 -7.53
CA TYR A 262 16.87 29.15 -4.25
CA PRO A 263 17.99 26.15 -2.15
CA ARG A 264 14.77 24.24 -2.77
CA GLY A 265 16.23 21.52 -5.04
CA HIS A 266 14.39 23.50 -7.68
CA PHE A 267 13.05 21.68 -10.61
CA PRO A 268 13.56 23.08 -14.09
CA LEU A 269 11.84 21.55 -17.17
CA ALA A 270 13.53 19.86 -20.15
CA THR A 271 12.72 20.93 -23.70
CA TYR A 272 14.16 20.00 -27.05
CA ALA A 273 13.91 21.91 -30.31
CA PRO A 274 14.26 19.92 -33.54
CA VAL A 275 11.69 17.34 -32.59
CA ILE A 276 10.77 16.87 -36.22
CA SER A 277 9.78 13.52 -37.76
CA ALA A 278 12.34 11.59 -39.82
CA GLU A 279 9.83 10.60 -42.46
CA LYS A 280 6.89 12.92 -42.71
CA ALA A 281 7.72 16.56 -43.09
CA TYR A 282 11.10 17.88 -44.05
CA HIS A 283 12.10 21.41 -43.55
CA GLU A 284 14.96 20.12 -41.32
CA GLN A 285 17.17 23.11 -42.31
CA LEU A 286 15.58 25.25 -39.68
CA SER A 287 18.23 27.86 -38.79
CA VAL A 288 18.73 28.75 -35.16
CA ALA A 289 16.33 31.66 -35.37
CA GLU A 290 13.66 28.95 -35.68
CA ILE A 291 14.65 26.10 -33.36
CA THR A 292 14.96 28.54 -30.46
CA ASN A 293 11.53 29.96 -30.90
CA ALA A 294 10.29 26.37 -30.99
CA CYS A 295 11.35 25.92 -27.41
CA PHE A 296 9.07 28.45 -25.78
CA GLU A 297 5.88 27.39 -27.50
CA PRO A 298 4.32 25.24 -24.78
CA ALA A 299 3.61 22.34 -27.13
CA ASN A 300 7.15 21.08 -27.07
CA GLN A 301 8.42 20.86 -23.56
CA MET A 302 8.23 17.37 -22.15
CA VAL A 303 6.03 18.68 -19.33
CA LYS A 304 2.32 19.42 -18.92
CA CYS A 305 3.20 22.69 -17.25
CA ASP A 306 2.22 24.91 -20.18
CA PRO A 307 3.50 28.42 -19.29
CA ARG A 308 -0.04 29.14 -18.14
CA HIS A 309 1.46 32.06 -16.19
CA GLY A 310 4.70 30.68 -14.84
CA LYS A 311 7.32 33.33 -15.41
CA TYR A 312 10.65 31.85 -16.40
CA MET A 313 13.38 32.79 -13.95
CA ALA A 314 16.37 31.22 -15.64
CA CYS A 315 16.90 29.19 -18.78
CA CYS A 316 19.98 27.27 -19.87
CA LEU A 317 19.87 27.18 -23.62
CA LEU A 318 22.13 24.31 -24.52
CA TYR A 319 22.78 24.34 -28.25
CA ARG A 320 24.72 21.75 -30.18
CA GLY A 321 25.80 21.53 -33.80
CA ASP A 322 26.54 24.35 -36.24
CA VAL A 323 25.62 27.54 -34.37
CA VAL A 324 27.06 31.06 -34.69
CA PRO A 325 27.23 32.79 -31.30
CA LYS A 326 25.76 35.93 -32.86
CA ASP A 327 22.89 33.88 -34.24
CA VAL A 328 22.20 33.03 -30.61
CA ASN A 329 23.18 36.38 -29.12
CA ALA A 330 20.36 37.68 -31.33
CA ALA A 331 17.82 34.89 -31.53
CA ILE A 332 17.74 35.22 -27.76
CA ALA A 333 17.72 39.03 -27.94
CA THR A 334 14.61 38.85 -30.12
CA ILE A 335 13.06 36.66 -27.43
CA LYS A 336 14.09 38.84 -24.48
CA THR A 337 11.81 41.40 -26.12
CA LYS A 338 8.72 39.34 -26.91
CA ARG A 339 7.37 40.22 -23.46
CA THR A 340 4.54 37.72 -23.82
CA ILE A 341 7.37 35.47 -22.56
CA GLN A 342 7.54 37.51 -19.33
CA PHE A 343 10.63 36.66 -17.22
CA VAL A 344 10.72 37.20 -13.50
CA ASP A 345 11.25 40.72 -12.14
CA TRP A 346 14.23 40.25 -9.87
CA CYS A 347 15.92 38.77 -12.87
CA PRO A 348 17.44 41.09 -15.47
CA THR A 349 18.97 38.46 -17.68
CA GLY A 350 18.38 34.75 -17.14
CA PHE A 351 19.78 33.10 -20.26
CA LYS A 352 22.72 30.75 -19.94
CA VAL A 353 23.84 30.14 -23.51
CA GLY A 354 25.57 26.77 -23.77
CA ILE A 355 27.15 26.04 -27.15
CA ASN A 356 28.53 22.66 -28.12
CA TYR A 357 30.05 21.59 -31.42
CA GLU A 358 29.08 18.05 -32.45
CA PRO A 359 25.47 18.12 -33.77
CA PRO A 360 22.87 15.76 -32.18
CA THR A 361 22.88 12.03 -32.95
CA VAL A 362 19.60 10.37 -33.77
CA VAL A 363 18.88 6.66 -33.51
CA PRO A 364 19.76 5.02 -36.88
CA GLY A 365 16.11 4.35 -37.62
CA GLY A 366 13.78 5.29 -34.79
CA ASP A 367 11.57 8.26 -35.65
CA LEU A 368 13.72 11.28 -34.76
CA ALA A 369 14.34 13.61 -37.71
CA LYS A 370 18.13 14.12 -37.47
CA VAL A 371 18.97 17.80 -37.86
CA GLN A 372 22.36 19.51 -37.73
CA ARG A 373 21.61 21.60 -34.68
CA ALA A 374 19.26 21.48 -31.69
CA VAL A 375 18.25 23.37 -28.55
CA CYS A 376 17.81 21.48 -25.28
CA MET A 377 16.62 24.34 -23.16
CA LEU A 378 15.74 23.66 -19.59
CA SER A 379 14.47 26.15 -17.04
CA ASN A 380 12.83 27.03 -13.75
CA THR A 381 9.36 28.40 -14.43
CA THR A 382 6.91 29.74 -11.88
CA ALA A 383 4.75 27.44 -13.94
CA ILE A 384 5.27 24.35 -11.89
CA ALA A 385 3.32 26.30 -9.23
CA GLU A 386 0.64 24.46 -11.15
CA ALA A 387 1.99 20.94 -11.69
CA TRP A 388 2.84 20.71 -7.98
CA ALA A 389 -0.52 22.13 -7.00
CA ARG A 390 -2.49 19.68 -9.17
CA LEU A 391 -0.40 16.84 -7.76
CA ASP A 392 -0.71 17.91 -4.18
CA HIS A 393 -4.48 18.24 -4.36
CA LYS A 394 -4.59 14.64 -5.66
CA PHE A 395 -2.83 13.47 -2.51
CA ASP A 396 -5.26 15.15 -0.12
CA LEU A 397 -8.31 13.65 -1.71
CA MET A 398 -7.00 10.19 -0.85
CA TYR A 399 -5.27 11.01 2.39
CA ALA A 400 -8.50 12.70 3.31
CA LYS A 401 -9.82 9.13 3.50
CA ARG A 402 -6.57 7.38 4.29
CA ALA A 403 -7.13 5.37 1.13
CA PHE A 404 -4.11 3.10 0.74
CA VAL A 405 -2.58 4.32 3.97
CA HIS A 406 -2.57 0.98 5.73
CA TRP A 407 -0.12 -0.07 3.06
CA TYR A 408 2.57 2.25 4.26
CA VAL A 409 1.95 2.31 7.98
CA GLY A 410 2.35 -1.44 7.97
CA GLU A 411 5.65 -0.66 6.33
CA GLY A 412 7.36 1.52 8.91
CA MET A 413 5.85 4.95 8.34
CA GLU A 414 3.35 6.96 10.30
CA GLU A 415 0.60 9.55 10.17
CA GLY A 416 3.62 11.75 10.63
CA GLU A 417 5.56 11.21 7.43
CA PHE A 418 2.43 11.76 5.37
CA SER A 419 0.88 14.76 7.11
CA GLU A 420 4.33 16.16 7.70
CA ALA A 421 5.39 15.77 4.05
CA ARG A 422 2.16 17.34 2.94
CA GLU A 423 2.88 20.44 5.01
CA ASP A 424 6.29 20.18 3.35
CA MET A 425 5.12 20.64 -0.20
CA ALA A 426 2.57 23.18 1.03
CA ALA A 427 5.53 25.58 1.44
CA LEU A 428 6.58 24.57 -2.07
CA GLU A 429 3.29 25.90 -3.39
CA LYS A 430 3.97 29.13 -1.50
CA ASP A 431 7.62 29.13 -2.44
CA TYR A 432 7.06 28.78 -6.18
CA GLU A 433 4.41 31.47 -5.70
CA GLU A 434 6.45 34.02 -3.77
CA VAL A 435 9.62 33.82 -5.88
CA GLY A 436 7.32 35.05 -8.62
CA VAL A 437 3.93 36.64 -9.34
CA ASP A 438 5.27 39.46 -7.13
CA SER A 439 7.64 42.39 -7.62
CA ARG B 1 9.45 -14.65 -6.67
CA GLU B 2 6.95 -17.51 -6.13
CA ILE B 3 3.43 -18.69 -5.18
CA VAL B 4 1.78 -21.99 -4.17
CA HIS B 5 -1.66 -22.77 -5.56
CA ILE B 6 -4.30 -24.38 -3.35
CA GLN B 7 -7.13 -26.61 -4.74
CA ALA B 8 -9.60 -26.64 -1.83
CA GLY B 9 -12.68 -28.84 -2.22
CA GLN B 10 -13.94 -30.44 -5.43
CA CYS B 11 -14.75 -27.30 -7.34
CA GLY B 12 -11.59 -25.54 -6.36
CA ASN B 13 -10.09 -28.83 -7.40
CA GLN B 14 -11.95 -29.36 -10.68
CA ILE B 15 -10.76 -25.86 -11.55
CA GLY B 16 -7.24 -26.76 -10.51
CA ALA B 17 -7.25 -29.15 -13.42
CA LYS B 18 -8.28 -26.31 -15.70
CA PHE B 19 -6.02 -23.69 -14.18
CA TRP B 20 -3.12 -26.05 -14.61
CA GLU B 21 -4.38 -27.36 -17.92
CA VAL B 22 -3.94 -23.83 -19.19
CA ILE B 23 -1.01 -22.33 -17.32
CA SER B 24 1.14 -25.32 -18.34
CA ASP B 25 0.58 -24.74 -22.07
CA GLU B 26 1.24 -21.07 -21.24
CA HIS B 27 4.56 -22.46 -20.04
CA GLY B 28 5.13 -25.43 -22.36
CA ILE B 29 4.92 -28.11 -19.68
CA ASP B 30 3.51 -31.40 -20.99
CA PRO B 31 1.87 -33.88 -18.56
CA THR B 32 5.09 -35.12 -16.94
CA GLY B 33 7.21 -33.72 -19.75
CA SER B 34 9.31 -30.59 -19.41
CA TYR B 35 9.54 -27.25 -21.14
CA HIS B 36 8.68 -27.68 -24.83
CA GLY B 37 8.08 -23.93 -24.80
CA ASP B 38 7.68 -22.53 -28.27
CA SER B 39 9.82 -19.72 -26.89
CA ASP B 40 12.55 -19.27 -24.28
CA LEU B 41 10.79 -16.63 -22.18
CA GLN B 42 8.13 -18.99 -20.81
CA LEU B 43 10.87 -20.41 -18.60
CA GLU B 44 12.96 -17.71 -16.94
CA ARG B 45 10.12 -17.11 -14.50
CA ILE B 46 8.30 -20.46 -14.23
CA ASN B 47 9.59 -21.08 -10.72
CA VAL B 48 6.58 -19.07 -9.57
CA TYR B 49 4.57 -22.29 -10.02
CA TYR B 50 6.97 -25.25 -10.21
CA ASN B 51 10.00 -27.03 -8.73
CA GLU B 52 13.26 -28.46 -10.07
CA ALA B 53 13.88 -32.16 -9.34
CA ALA B 54 14.63 -34.29 -12.38
CA GLY B 55 15.38 -31.94 -15.28
CA ASN B 56 12.28 -32.46 -17.41
CA LYS B 57 9.89 -32.68 -14.50
CA TYR B 58 8.86 -29.23 -13.28
CA VAL B 59 6.03 -30.17 -10.92
CA PRO B 60 3.18 -27.79 -10.15
CA ARG B 61 3.54 -26.47 -6.63
CA ALA B 62 -0.08 -26.56 -5.54
CA ILE B 63 -2.08 -28.36 -2.89
CA LEU B 64 -5.07 -30.65 -3.46
CA VAL B 65 -7.29 -30.62 -0.41
CA ASP B 66 -10.52 -32.65 -0.38
CA LEU B 67 -12.53 -35.04 1.83
CA GLU B 68 -14.02 -36.89 -1.14
CA PRO B 69 -11.66 -39.37 -2.76
CA GLY B 70 -13.51 -39.86 -6.09
CA THR B 71 -12.84 -36.21 -6.95
CA MET B 72 -9.04 -36.00 -6.71
CA ASP B 73 -9.19 -39.54 -8.08
CA SER B 74 -10.78 -38.13 -11.24
CA VAL B 75 -8.33 -35.27 -11.50
CA ARG B 76 -5.47 -37.66 -10.88
CA SER B 77 -6.84 -40.31 -13.27
CA GLY B 78 -7.40 -38.09 -16.30
CA PRO B 79 -5.24 -35.76 -18.48
CA PHE B 80 -2.59 -33.64 -16.73
CA GLY B 81 -3.60 -35.49 -13.57
CA GLN B 82 -0.26 -37.30 -13.44
CA ILE B 83 2.00 -34.26 -12.97
CA PHE B 84 1.26 -33.52 -9.33
CA ARG B 85 3.65 -35.27 -6.96
CA PRO B 86 1.43 -37.61 -4.87
CA ASP B 87 2.68 -35.76 -1.81
CA ASN B 88 0.41 -32.92 -3.02
CA PHE B 89 -2.78 -34.94 -2.59
CA VAL B 90 -4.05 -34.22 0.91
CA PHE B 91 -7.21 -36.31 0.86
CA GLY B 92 -9.72 -37.03 3.59
CA GLN B 93 -11.44 -40.32 2.79
CA SER B 94 -13.91 -39.37 5.53
CA GLY B 95 -17.47 -38.41 4.64
CA ALA B 96 -16.94 -35.15 2.74
CA GLY B 97 -20.39 -34.04 3.93
CA ASN B 98 -21.72 -30.86 2.37
CA ASN B 99 -21.45 -29.09 5.70
CA TRP B 100 -19.23 -26.06 6.26
CA ALA B 101 -19.06 -27.24 9.81
CA LYS B 102 -18.12 -30.74 8.75
CA GLY B 103 -15.07 -29.56 6.85
CA HIS B 104 -14.01 -26.75 9.15
CA TYR B 105 -14.48 -28.07 12.69
CA THR B 106 -14.98 -31.78 12.73
CA GLU B 107 -13.77 -33.57 9.68
CA GLY B 108 -11.47 -31.04 8.05
CA ALA B 109 -9.84 -29.92 11.27
CA GLU B 110 -8.11 -33.28 11.40
CA LEU B 111 -6.81 -33.34 7.84
CA VAL B 112 -5.51 -29.79 8.34
CA ASP B 113 -2.22 -30.55 10.10
CA SER B 114 -1.39 -33.07 7.36
CA VAL B 115 -1.95 -30.19 4.93
CA LEU B 116 -0.12 -27.34 6.66
CA ASP B 117 2.72 -29.85 6.76
CA VAL B 118 2.97 -29.75 3.00
CA VAL B 119 2.02 -26.09 2.57
CA ARG B 120 5.28 -25.61 4.51
CA LYS B 121 7.24 -28.14 2.51
CA GLU B 122 6.27 -26.12 -0.56
CA SER B 123 6.73 -22.69 0.99
CA GLU B 124 10.20 -23.56 2.25
CA SER B 125 10.88 -24.80 -1.27
CA CYS B 126 13.33 -22.12 -2.35
CA ASP B 127 14.01 -18.49 -3.27
CA CYS B 128 11.41 -16.04 -1.96
CA LEU B 129 7.71 -16.71 -1.52
CA GLN B 130 5.17 -14.12 -2.70
CA GLY B 131 1.79 -15.64 -1.77
CA PHE B 132 -0.65 -18.51 -2.33
CA GLN B 133 -3.45 -18.97 -4.86
CA LEU B 134 -6.68 -20.41 -3.48
CA THR B 135 -9.49 -21.97 -5.51
CA HIS B 136 -12.77 -23.23 -4.10
CA SER B 137 -16.51 -22.75 -3.88
CA LEU B 138 -18.29 -21.11 -1.01
CA GLY B 139 -21.16 -23.55 -1.36
CA GLY B 140 -19.98 -26.80 0.21
CA GLY B 141 -17.90 -28.53 2.85
CA THR B 142 -14.40 -29.16 1.53
CA GLY B 143 -14.66 -25.80 -0.17
CA SER B 144 -15.90 -23.09 2.14
CA GLY B 145 -15.19 -24.78 5.44
CA MET B 146 -11.96 -26.72 5.07
CA GLY B 147 -10.46 -24.33 2.53
CA THR B 148 -11.45 -21.35 4.59
CA LEU B 149 -9.55 -22.98 7.41
CA LEU B 150 -6.50 -23.70 5.31
CA ILE B 151 -6.12 -19.99 4.91
CA SER B 152 -6.85 -18.94 8.48
CA LYS B 153 -3.82 -21.12 9.24
CA ILE B 154 -1.76 -19.95 6.28
CA ARG B 155 -2.32 -16.30 7.36
CA GLU B 156 -0.93 -17.08 10.81
CA GLU B 157 2.12 -18.75 9.37
CA TYR B 158 3.14 -16.01 6.96
CA PRO B 159 1.18 -12.79 7.55
CA ASP B 160 3.74 -11.41 5.10
CA ARG B 161 3.17 -13.36 1.92
CA ILE B 162 -0.06 -12.48 0.09
CA MET B 163 -3.28 -14.46 -0.34
CA ASN B 164 -5.31 -14.32 -3.52
CA THR B 165 -8.60 -16.10 -3.25
CA PHE B 166 -10.64 -17.34 -6.19
CA SER B 167 -14.14 -17.96 -4.84
CA VAL B 168 -17.12 -19.28 -6.73
CA VAL B 169 -19.70 -17.27 -4.81
CA PRO B 170 -23.19 -18.90 -4.93
CA SER B 171 -24.80 -17.97 -8.22
CA PRO B 172 -28.19 -16.25 -7.92
CA LYS B 173 -30.98 -17.53 -10.23
CA VAL B 174 -30.37 -21.18 -9.20
CA SER B 175 -28.31 -22.62 -6.37
CA ASP B 176 -26.41 -25.81 -7.13
CA THR B 177 -26.86 -26.74 -3.48
CA VAL B 178 -29.41 -26.07 -0.74
CA VAL B 179 -27.66 -24.80 2.35
CA GLU B 180 -25.44 -22.77 0.02
CA PRO B 181 -25.88 -19.47 1.99
CA TYR B 182 -24.84 -21.42 5.08
CA ASN B 183 -21.62 -22.78 3.62
CA ALA B 184 -21.17 -19.36 1.98
CA THR B 185 -21.86 -16.73 4.58
CA LEU B 186 -19.57 -18.81 6.78
CA SER B 187 -16.68 -18.82 4.34
CA VAL B 188 -16.88 -15.18 3.20
CA HIS B 189 -16.59 -14.37 6.89
CA GLN B 190 -13.18 -16.18 7.01
CA LEU B 191 -12.17 -14.49 3.75
CA VAL B 192 -12.87 -10.85 4.77
CA GLU B 193 -10.36 -11.58 7.47
CA ASN B 194 -7.44 -13.52 6.10
CA THR B 195 -6.86 -13.49 2.30
CA ASP B 196 -6.17 -9.97 0.92
CA GLU B 197 -7.28 -10.36 -2.73
CA THR B 198 -10.40 -12.31 -3.71
CA TYR B 199 -11.66 -12.92 -7.23
CA CYS B 200 -15.35 -13.95 -7.10
CA ILE B 201 -16.68 -15.91 -10.05
CA ASP B 202 -20.32 -16.91 -10.72
CA ASN B 203 -21.20 -20.09 -12.57
CA GLU B 204 -24.14 -18.21 -14.15
CA ALA B 205 -22.32 -14.96 -14.86
CA LEU B 206 -20.09 -17.30 -16.84
CA TYR B 207 -22.82 -19.18 -18.62
CA ASP B 208 -24.19 -15.87 -19.81
CA ILE B 209 -20.78 -14.52 -20.75
CA CYS B 210 -20.14 -17.95 -22.25
CA PHE B 211 -23.38 -18.49 -24.14
CA ARG B 212 -23.82 -14.99 -25.57
CA THR B 213 -20.23 -13.70 -25.72
CA LEU B 214 -19.22 -17.09 -27.11
CA LYS B 215 -22.16 -18.32 -29.15
CA LEU B 216 -21.23 -21.53 -27.30
CA THR B 217 -24.48 -23.55 -27.02
CA THR B 218 -23.29 -26.37 -24.72
CA PRO B 219 -21.11 -24.70 -22.08
CA THR B 220 -19.91 -27.67 -20.11
CA TYR B 221 -18.30 -27.06 -16.71
CA GLY B 222 -14.90 -27.73 -18.21
CA ASP B 223 -15.55 -24.58 -20.20
CA LEU B 224 -16.62 -22.26 -17.39
CA ASN B 225 -13.59 -23.50 -15.49
CA HIS B 226 -11.49 -22.95 -18.58
CA LEU B 227 -12.68 -19.36 -18.93
CA VAL B 228 -11.98 -18.63 -15.27
CA SER B 229 -8.53 -20.24 -15.37
CA ALA B 230 -7.93 -17.90 -18.32
CA THR B 231 -8.26 -14.87 -16.03
CA MET B 232 -6.19 -16.18 -13.12
CA SER B 233 -3.39 -16.74 -15.67
CA GLY B 234 -3.55 -13.14 -16.86
CA VAL B 235 -3.35 -12.01 -13.24
CA THR B 236 -0.45 -13.88 -11.65
CA THR B 237 1.78 -15.85 -14.03
CA CYS B 238 1.36 -13.09 -16.58
CA LEU B 239 2.82 -10.28 -14.51
CA ARG B 240 5.69 -12.61 -13.76
CA PHE B 241 6.64 -11.81 -17.33
CA PRO B 242 8.45 -8.72 -18.62
CA GLY B 243 6.56 -5.57 -19.58
CA GLN B 244 6.97 -1.89 -20.30
CA LEU B 245 5.09 -1.43 -17.04
CA ASN B 246 4.82 -4.62 -15.05
CA ALA B 247 3.24 -5.21 -11.70
CA ASP B 248 2.94 -8.26 -9.41
CA LEU B 249 0.43 -9.49 -6.82
CA ARG B 250 1.46 -6.74 -4.46
CA LYS B 251 1.25 -3.84 -6.96
CA LEU B 252 -2.12 -5.37 -7.75
CA ALA B 253 -2.82 -5.52 -4.06
CA VAL B 254 -1.22 -2.22 -3.10
CA ASN B 255 -3.15 -0.40 -5.83
CA MET B 256 -6.45 -2.13 -5.42
CA VAL B 257 -7.24 -2.26 -1.77
CA PRO B 258 -8.01 1.14 -0.29
CA PHE B 259 -9.34 -0.34 2.92
CA PRO B 260 -8.04 -3.50 4.75
CA ARG B 261 -11.28 -5.52 4.53
CA LEU B 262 -9.45 -7.32 1.74
CA HIS B 263 -12.17 -6.47 -0.69
CA PHE B 264 -13.22 -8.71 -3.49
CA PHE B 265 -12.80 -8.06 -7.16
CA MET B 266 -14.43 -9.27 -10.33
CA PRO B 267 -12.16 -10.53 -13.11
CA GLY B 268 -12.78 -9.96 -16.81
CA PHE B 269 -10.86 -11.25 -19.81
CA ALA B 270 -10.22 -9.26 -22.99
CA PRO B 271 -10.56 -10.98 -26.34
CA LEU B 272 -13.72 -12.91 -25.73
CA THR B 273 -14.92 -13.56 -29.26
CA SER B 274 -16.64 -16.68 -30.65
CA ARG B 275 -14.36 -18.98 -32.65
CA GLY B 276 -14.62 -18.80 -36.46
CA SER B 277 -16.66 -15.75 -37.53
CA GLN B 278 -16.29 -13.23 -34.72
CA GLN B 279 -12.46 -13.56 -35.16
CA TYR B 280 -12.78 -9.93 -36.02
CA ARG B 281 -9.40 -9.02 -34.66
CA ALA B 282 -10.96 -5.74 -33.60
CA LEU B 283 -8.35 -5.83 -30.86
CA THR B 284 -6.43 -2.64 -31.68
CA VAL B 285 -7.06 -1.76 -27.98
CA PRO B 286 -10.15 0.42 -27.78
CA GLU B 287 -11.73 -2.91 -28.47
CA LEU B 288 -10.27 -4.50 -25.37
CA THR B 289 -11.31 -1.67 -23.07
CA GLN B 290 -14.62 -1.71 -24.87
CA GLN B 291 -14.83 -5.34 -23.79
CA MET B 292 -13.44 -5.42 -20.23
CA PHE B 293 -15.42 -2.38 -19.10
CA ASP B 294 -18.90 -3.40 -20.24
CA ALA B 295 -21.46 -4.89 -17.85
CA LYS B 296 -21.69 -8.36 -19.31
CA ASN B 297 -18.18 -9.80 -19.40
CA MET B 298 -17.69 -9.38 -15.67
CA MET B 299 -17.31 -12.91 -14.29
CA ALA B 300 -19.13 -11.55 -11.26
CA ALA B 301 -22.91 -11.72 -11.04
CA CYS B 302 -23.49 -8.11 -10.24
CA ASP B 303 -23.19 -5.41 -12.86
CA PRO B 304 -20.59 -2.63 -12.41
CA ARG B 305 -23.09 -0.18 -13.85
CA HIS B 306 -24.82 -0.68 -10.48
CA GLY B 307 -22.08 0.84 -8.34
CA ARG B 308 -18.88 2.91 -8.50
CA TYR B 309 -15.41 1.43 -8.64
CA LEU B 310 -12.61 1.99 -6.16
CA THR B 311 -9.87 0.52 -8.23
CA VAL B 312 -9.36 -1.15 -11.53
CA ALA B 313 -6.39 -3.01 -12.93
CA ALA B 314 -6.23 -3.61 -16.62
CA VAL B 315 -3.43 -6.09 -16.68
CA PHE B 316 -2.79 -6.16 -20.47
CA ARG B 317 -0.34 -8.66 -21.97
CA GLY B 318 0.49 -8.11 -25.64
CA ARG B 319 2.64 -5.48 -27.42
CA MET B 320 0.84 -2.09 -27.40
CA SER B 321 1.47 1.64 -27.10
CA MET B 322 1.88 2.90 -23.57
CA LYS B 323 0.11 5.81 -25.18
CA GLU B 324 -2.95 4.11 -26.66
CA VAL B 325 -3.19 2.26 -23.37
CA ASP B 326 -2.56 5.04 -20.93
CA GLU B 327 -4.82 7.19 -23.10
CA GLN B 328 -7.88 4.99 -23.57
CA MET B 329 -8.03 4.36 -19.82
CA LEU B 330 -8.63 8.07 -19.45
CA ASN B 331 -11.59 8.68 -21.73
CA VAL B 332 -12.98 5.59 -20.06
CA GLN B 333 -12.47 7.35 -16.73
CA ASN B 334 -14.27 10.42 -18.05
CA LYS B 335 -17.13 8.92 -20.07
CA ASN B 336 -18.10 7.16 -16.86
CA SER B 337 -17.04 9.69 -14.23
CA SER B 338 -20.47 8.90 -12.83
CA TYR B 339 -19.44 5.46 -11.63
CA PHE B 340 -15.78 5.36 -10.80
CA VAL B 341 -15.68 7.05 -7.37
CA GLU B 342 -13.98 10.43 -7.09
CA TRP B 343 -11.70 10.52 -4.06
CA ILE B 344 -9.22 8.60 -6.19
CA PRO B 345 -7.97 10.81 -9.01
CA ASN B 346 -6.79 7.77 -11.01
CA ASN B 347 -8.76 4.68 -10.02
CA VAL B 348 -7.32 2.71 -12.86
CA LYS B 349 -4.05 0.83 -12.49
CA THR B 350 -2.69 0.27 -15.97
CA ALA B 351 -0.41 -2.72 -16.16
CA VAL B 352 1.38 -3.91 -19.26
CA CYS B 353 3.10 -7.21 -19.92
CA ASP B 354 4.64 -8.02 -23.30
CA ILE B 355 4.13 -11.62 -24.36
CA PRO B 356 0.39 -12.34 -24.83
CA PRO B 357 -1.72 -15.48 -24.32
CA ARG B 358 0.19 -18.06 -26.35
CA GLY B 359 -2.07 -18.13 -29.42
CA LEU B 360 -3.48 -14.60 -29.23
CA LYS B 361 -2.16 -11.21 -30.40
CA MET B 362 -3.45 -9.01 -27.59
CA SER B 363 -5.35 -9.56 -24.33
CA ALA B 364 -5.91 -7.78 -21.01
CA THR B 365 -7.11 -9.16 -17.70
CA PHE B 366 -9.44 -6.92 -15.73
CA ILE B 367 -9.53 -6.92 -11.97
CA GLY B 368 -12.23 -4.62 -10.74
CA ASN B 369 -12.80 -3.53 -7.17
CA SER B 370 -16.27 -2.13 -7.62
CA THR B 371 -18.74 -1.24 -4.91
CA ALA B 372 -21.24 -3.15 -7.00
CA ILE B 373 -20.29 -6.38 -5.34
CA GLN B 374 -22.29 -5.03 -2.47
CA GLU B 375 -25.36 -6.35 -4.26
CA LEU B 376 -24.13 -9.92 -3.94
CA PHE B 377 -23.15 -10.32 -0.35
CA LYS B 378 -26.56 -8.75 0.13
CA ARG B 379 -28.04 -11.62 -1.82
CA ILE B 380 -26.12 -14.26 0.08
CA SER B 381 -26.79 -12.55 3.40
CA GLU B 382 -30.49 -12.44 2.57
CA GLN B 383 -30.79 -16.15 1.76
CA PHE B 384 -29.20 -16.82 5.12
CA THR B 385 -31.61 -14.91 7.32
CA ALA B 386 -34.67 -16.14 5.39
CA MET B 387 -33.57 -19.64 6.33
CA PHE B 388 -31.59 -19.02 9.43
CA ARG B 389 -34.70 -17.53 10.95
CA ARG B 390 -36.13 -21.06 10.87
CA LYS B 391 -32.80 -22.80 11.53
CA ALA B 392 -33.52 -24.79 8.36
CA PHE B 393 -30.78 -27.34 7.88
CA LEU B 394 -29.01 -26.20 10.98
CA HIS B 395 -28.97 -29.53 12.80
CA TRP B 396 -26.38 -30.75 10.27
CA TYR B 397 -24.08 -28.03 11.52
CA THR B 398 -24.66 -27.99 15.27
CA GLY B 399 -24.87 -31.78 15.34
CA GLU B 400 -21.33 -31.53 14.01
CA GLY B 401 -20.17 -29.46 16.92
CA MET B 402 -21.00 -25.92 15.88
CA ASP B 403 -22.54 -22.91 17.62
CA GLU B 404 -25.78 -20.94 17.29
CA MET B 405 -23.61 -17.89 17.79
CA GLU B 406 -21.20 -18.96 15.02
CA PHE B 407 -23.78 -18.44 12.29
CA THR B 408 -24.81 -15.21 13.94
CA GLU B 409 -21.23 -14.07 13.84
CA ALA B 410 -20.56 -14.70 10.18
CA GLU B 411 -23.76 -13.24 8.83
CA SER B 412 -23.29 -10.07 10.84
CA ASN B 413 -19.62 -9.78 9.89
CA MET B 414 -20.19 -10.45 6.23
CA ASN B 415 -23.42 -8.46 6.57
CA ASP B 416 -21.51 -5.44 7.91
CA LEU B 417 -19.09 -6.00 5.07
CA VAL B 418 -22.00 -5.02 2.78
CA SER B 419 -22.55 -1.89 4.80
CA GLU B 420 -18.99 -0.58 4.58
CA TYR B 421 -18.73 -1.13 0.81
CA GLN B 422 -21.61 1.35 0.45
CA GLN B 423 -19.65 3.93 2.43
CA TYR B 424 -17.79 4.59 -0.82
CA GLN B 425 -20.59 4.16 -3.35
CA ASP B 426 -21.56 7.42 -1.60
CA ASN C 6 -28.32 13.17 29.24
CA GLU C 7 -25.22 12.13 27.45
CA CYS C 8 -21.92 12.91 29.08
CA SER C 9 -18.74 13.82 27.38
CA ILE C 10 -15.46 12.12 27.14
CA LYS C 11 -13.31 14.00 29.53
CA VAL C 12 -9.86 14.08 28.15
CA LEU C 13 -6.97 14.94 30.35
CA CYS C 14 -3.50 16.03 29.44
CA ARG C 15 -0.35 15.87 31.46
CA PHE C 16 3.25 16.81 31.03
CA ARG C 17 6.58 15.71 32.42
CA PRO C 18 9.81 17.51 32.90
CA LEU C 19 12.42 17.32 30.19
CA ASN C 20 14.18 14.03 29.95
CA GLN C 21 17.92 14.30 30.02
CA ALA C 22 18.49 12.97 26.54
CA GLU C 23 16.21 15.77 25.51
CA ILE C 24 18.31 18.18 27.49
CA LEU C 25 21.52 16.85 25.99
CA ARG C 26 20.51 18.01 22.54
CA GLY C 27 19.22 21.42 21.68
CA ASP C 28 15.60 20.82 22.33
CA LYS C 29 13.45 23.56 23.77
CA PHE C 30 10.37 23.66 25.85
CA ILE C 31 7.60 23.79 23.31
CA PRO C 32 4.39 23.87 25.38
CA ILE C 33 3.86 27.16 27.14
CA PHE C 34 1.51 26.75 30.01
CA GLN C 35 -0.85 29.58 30.52
CA GLY C 36 -2.46 28.66 33.73
CA ASP C 37 -2.82 24.97 34.38
CA ASP C 38 -5.67 24.35 32.03
CA SER C 39 -4.35 25.27 28.71
CA VAL C 40 -1.06 24.92 26.99
CA VAL C 41 -0.73 26.86 23.82
CA ILE C 42 1.37 25.97 20.87
CA GLY C 43 2.85 28.19 18.23
CA GLY C 44 0.36 30.76 19.40
CA LYS C 45 -2.70 28.59 19.51
CA PRO C 46 -4.31 28.44 22.85
CA TYR C 47 -5.26 24.84 23.50
CA VAL C 48 -7.20 23.67 26.49
CA PHE C 49 -8.63 20.34 27.57
CA ASP C 50 -10.50 19.01 30.56
CA ARG C 51 -7.42 19.61 32.60
CA VAL C 52 -3.77 20.09 31.80
CA PHE C 53 -1.21 19.14 34.39
CA PRO C 54 1.97 21.20 34.48
CA PRO C 55 5.14 19.24 34.14
CA ASN C 56 5.58 19.58 37.89
CA THR C 57 2.76 17.27 38.96
CA THR C 58 3.83 14.09 40.62
CA GLN C 59 2.11 10.94 39.77
CA GLU C 60 0.09 11.78 42.80
CA GLN C 61 -1.00 15.10 41.30
CA VAL C 62 -2.57 13.13 38.50
CA TYR C 63 -4.37 10.99 41.00
CA HIS C 64 -5.29 13.84 43.31
CA ALA C 65 -6.91 15.96 40.63
CA CYS C 66 -8.46 13.22 38.54
CA ALA C 67 -9.49 10.52 40.91
CA MET C 68 -11.38 9.31 42.55
CA GLN C 69 -14.29 9.51 40.14
CA ILE C 70 -13.81 5.97 38.96
CA VAL C 71 -13.87 4.79 42.54
CA LYS C 72 -17.54 5.40 43.05
CA ASP C 73 -18.04 3.95 39.61
CA VAL C 74 -16.23 0.70 40.24
CA LEU C 75 -18.04 0.21 43.48
CA ALA C 76 -21.29 1.14 41.90
CA GLY C 77 -20.58 -1.38 39.21
CA TYR C 78 -20.53 0.13 35.78
CA ASN C 79 -18.40 -0.16 32.74
CA GLY C 80 -15.91 2.55 32.16
CA THR C 81 -12.29 2.29 31.24
CA ILE C 82 -9.24 4.48 31.02
CA PHE C 83 -6.30 4.64 28.69
CA ALA C 84 -3.15 6.59 28.01
CA TYR C 85 -2.38 8.38 24.80
CA GLY C 86 1.08 9.75 24.50
CA GLN C 87 3.64 9.70 21.79
CA THR C 88 6.68 7.62 22.50
CA SER C 89 8.24 8.17 25.92
CA SER C 90 5.62 10.75 26.49
CA GLY C 91 5.30 9.40 29.98
CA LYS C 92 2.07 7.44 29.87
CA THR C 93 3.27 4.26 31.57
CA HIS C 94 4.95 6.29 34.29
CA THR C 95 1.52 7.70 34.99
CA MET C 96 -0.40 4.47 35.34
CA GLU C 97 1.71 1.92 37.09
CA GLY C 98 4.30 4.31 38.39
CA LYS C 99 6.07 2.44 41.08
CA LEU C 100 3.66 0.15 42.79
CA HIS C 101 5.60 -0.14 46.01
CA ASP C 102 6.26 3.46 46.89
CA PRO C 103 2.78 4.40 47.71
CA GLN C 104 2.94 8.01 46.63
CA LEU C 105 4.68 6.96 43.48
CA MET C 106 1.89 4.57 42.69
CA GLY C 107 -0.68 5.97 40.41
CA ILE C 108 -4.36 6.47 40.23
CA ILE C 109 -5.05 2.93 39.12
CA PRO C 110 -3.24 1.27 42.04
CA ARG C 111 -4.75 3.67 44.51
CA ILE C 112 -8.20 3.08 43.14
CA ALA C 113 -7.91 -0.68 43.65
CA ARG C 114 -7.28 -0.56 47.37
CA ASP C 115 -9.59 2.35 47.93
CA ILE C 116 -12.28 0.47 46.20
CA PHE C 117 -12.31 -2.78 48.14
CA ASN C 118 -12.13 -0.76 51.39
CA HIS C 119 -15.43 0.78 50.61
CA ILE C 120 -16.83 -2.52 49.54
CA TYR C 121 -15.71 -3.50 53.00
CA SER C 122 -17.61 -0.66 54.58
CA MET C 123 -20.38 -1.47 52.22
CA ASP C 124 -23.30 -3.74 52.75
CA GLU C 125 -22.52 -7.35 53.45
CA ASN C 126 -25.69 -8.82 52.01
CA LEU C 127 -25.07 -6.99 48.77
CA GLU C 128 -23.16 -9.85 47.30
CA PHE C 129 -20.07 -8.87 45.38
CA HIS C 130 -18.10 -10.83 42.87
CA ILE C 131 -14.91 -9.31 41.63
CA LYS C 132 -12.62 -10.57 38.97
CA VAL C 133 -9.96 -9.11 36.78
CA SER C 134 -7.78 -9.82 33.79
CA TYR C 135 -4.38 -8.76 32.60
CA PHE C 136 -3.40 -9.59 29.06
CA GLU C 137 -1.25 -8.06 26.41
CA ILE C 138 -1.47 -7.29 22.77
CA TYR C 139 1.75 -8.14 21.09
CA LEU C 140 2.37 -9.25 17.56
CA ASP C 141 -1.26 -8.35 16.87
CA LYS C 142 -2.07 -11.07 19.31
CA ILE C 143 -3.66 -11.07 22.67
CA ARG C 144 -1.26 -12.94 24.75
CA ASP C 145 -2.83 -13.64 28.01
CA LEU C 146 -0.50 -12.76 30.80
CA LEU C 147 -1.76 -14.83 33.64
CA ASP C 148 -2.26 -17.92 31.68
CA VAL C 149 0.64 -17.70 29.37
CA THR C 150 -0.55 -20.76 27.51
CA LYS C 151 -3.15 -19.17 25.29
CA THR C 152 -0.98 -16.80 23.44
CA ASN C 153 -3.09 -16.29 20.40
CA LEU C 154 -6.23 -16.26 22.45
CA SER C 155 -9.55 -16.04 20.75
CA VAL C 156 -11.81 -13.11 20.95
CA HIS C 157 -15.28 -14.44 20.69
CA GLU C 158 -18.17 -12.07 21.10
CA ASP C 159 -21.35 -12.08 23.09
CA LYS C 160 -25.04 -11.39 22.57
CA ASN C 161 -25.04 -7.66 22.90
CA ARG C 162 -22.16 -8.27 20.59
CA VAL C 163 -19.08 -7.14 22.40
CA PRO C 164 -15.93 -8.97 22.02
CA PHE C 165 -14.18 -10.39 25.01
CA VAL C 166 -11.10 -12.43 25.70
CA LYS C 167 -11.82 -16.06 26.23
CA GLY C 168 -9.71 -18.44 28.23
CA CYS C 169 -8.49 -15.45 30.17
CA THR C 170 -8.82 -16.97 33.56
CA GLU C 171 -10.45 -14.41 35.75
CA ARG C 172 -9.38 -14.86 39.31
CA PHE C 173 -11.92 -13.58 41.74
CA VAL C 174 -9.77 -11.11 43.65
CA SER C 175 -11.22 -10.43 47.11
CA SER C 176 -9.23 -7.82 48.91
CA PRO C 177 -6.91 -5.32 47.42
CA GLU C 178 -4.02 -7.65 48.04
CA GLU C 179 -4.82 -10.42 45.64
CA ILE C 180 -5.19 -7.67 43.09
CA LEU C 181 -1.60 -6.54 43.55
CA ASP C 182 0.02 -9.92 43.41
CA VAL C 183 -1.85 -10.86 40.31
CA ILE C 184 -0.93 -7.70 38.54
CA ASP C 185 2.76 -7.70 39.26
CA GLU C 186 3.15 -11.11 37.78
CA GLY C 187 1.24 -9.86 34.82
CA LYS C 188 3.66 -6.99 34.92
CA SER C 189 6.74 -9.12 34.43
CA ASN C 190 5.18 -10.99 31.56
CA ARG C 191 4.96 -7.70 29.80
CA HIS C 192 7.27 -7.07 26.91
CA VAL C 193 9.66 -4.17 26.97
CA ALA C 194 11.84 -3.63 24.00
CA VAL C 195 14.52 -1.06 24.13
CA THR C 196 14.15 1.98 21.96
CA ASN C 197 16.62 4.74 21.46
CA MET C 198 13.79 6.85 22.71
CA ASN C 199 12.38 4.90 25.55
CA GLU C 200 14.72 2.20 26.68
CA HIS C 201 11.77 0.73 28.46
CA SER C 202 9.72 0.96 25.37
CA SER C 203 6.56 -0.91 26.04
CA ARG C 204 5.90 -2.89 22.92
CA SER C 205 2.41 -4.09 23.60
CA HIS C 206 -0.72 -2.46 24.83
CA SER C 207 -1.63 -3.64 28.26
CA ILE C 208 -5.20 -4.01 29.25
CA PHE C 209 -6.11 -4.37 32.83
CA LEU C 210 -9.68 -5.46 33.41
CA ILE C 211 -11.28 -5.26 36.76
CA ASN C 212 -14.59 -6.97 36.30
CA ILE C 213 -16.97 -6.38 39.11
CA LYS C 214 -20.37 -7.75 39.89
CA GLN C 215 -22.82 -7.30 42.68
CA GLU C 216 -26.19 -8.65 43.52
CA ASN C 217 -28.61 -7.73 46.22
CA MET C 218 -30.07 -10.54 48.26
CA GLU C 219 -33.30 -9.02 49.29
CA THR C 220 -34.13 -7.47 45.94
CA GLU C 221 -31.81 -9.92 44.22
CA GLN C 222 -30.99 -7.42 41.55
CA LYS C 223 -27.74 -8.18 39.91
CA LEU C 224 -25.60 -5.33 38.74
CA SER C 225 -22.43 -5.74 36.75
CA GLY C 226 -19.98 -3.16 35.46
CA LYS C 227 -16.73 -3.66 33.60
CA LEU C 228 -13.53 -1.75 33.95
CA TYR C 229 -10.72 -1.41 31.46
CA LEU C 230 -7.33 -0.05 32.25
CA VAL C 231 -5.19 0.05 29.21
CA ASP C 232 -1.67 1.26 29.23
CA LEU C 233 -1.33 1.92 25.53
CA ALA C 234 1.91 2.15 23.70
CA GLY C 235 2.84 5.06 21.54
CA SER C 236 3.17 5.55 17.87
CA GLU C 237 6.85 5.68 17.22
CA LYS C 238 8.77 7.55 14.60
CA VAL C 239 11.25 5.07 13.32
CA SER C 240 14.32 7.21 12.78
CA LYS C 241 13.51 8.72 16.12
CA THR C 242 12.95 5.28 17.60
CA GLY C 243 16.03 3.50 16.44
CA ALA C 244 14.32 0.17 16.25
CA GLU C 245 15.33 -2.37 13.67
CA GLY C 246 14.59 -5.97 12.90
CA ALA C 247 12.03 -7.25 15.35
CA VAL C 248 11.21 -4.12 17.28
CA LEU C 249 10.68 -2.60 13.88
CA ASP C 250 7.90 -5.13 13.27
CA GLU C 251 6.58 -4.31 16.70
CA ALA C 252 7.02 -0.60 16.22
CA LYS C 253 5.04 -1.03 13.03
CA ASN C 254 2.34 -2.94 14.86
CA ILE C 255 1.80 -0.25 17.45
CA ASN C 256 1.77 2.45 14.88
CA LYS C 257 -0.93 0.96 12.78
CA SER C 258 -2.85 0.00 15.87
CA LEU C 259 -2.64 3.52 17.22
CA SER C 260 -3.55 4.88 13.83
CA ALA C 261 -6.55 2.61 14.00
CA LEU C 262 -7.58 4.66 16.95
CA GLY C 263 -7.09 8.00 15.25
CA ASN C 264 -9.21 6.72 12.46
CA VAL C 265 -12.07 5.60 14.62
CA ILE C 266 -12.22 8.67 16.78
CA SER C 267 -11.67 10.88 13.81
CA ALA C 268 -14.72 9.06 12.55
CA LEU C 269 -16.76 9.38 15.68
CA ALA C 270 -15.53 12.93 15.90
CA GLU C 271 -17.32 13.63 12.69
CA GLY C 272 -20.96 13.99 13.53
CA THR C 273 -21.57 11.77 10.57
CA LYS C 274 -21.54 8.10 11.04
CA SER C 275 -19.53 5.68 9.07
CA TYR C 276 -19.05 2.14 10.22
CA VAL C 277 -15.82 2.64 12.19
CA PRO C 278 -12.50 0.89 12.07
CA TYR C 279 -13.79 -1.12 14.98
CA ARG C 280 -14.43 -4.11 12.78
CA ASP C 281 -10.81 -3.70 11.78
CA SER C 282 -8.48 -4.12 14.68
CA LYS C 283 -9.81 -6.23 17.45
CA MET C 284 -8.44 -3.97 20.11
CA THR C 285 -10.91 -1.59 18.59
CA ARG C 286 -13.85 -3.93 18.61
CA ILE C 287 -13.16 -3.65 22.26
CA LEU C 288 -12.67 0.05 21.85
CA GLN C 289 -16.30 0.16 20.80
CA ASP C 290 -18.19 0.19 24.09
CA SER C 291 -15.82 2.76 25.47
CA LEU C 292 -15.49 5.18 22.60
CA GLY C 293 -18.93 5.75 21.19
CA GLY C 294 -20.77 2.97 22.94
CA ASN C 295 -21.82 3.06 26.55
CA CYS C 296 -18.84 3.69 28.69
CA ARG C 297 -17.60 6.46 30.78
CA THR C 298 -14.02 6.48 29.80
CA THR C 299 -11.42 9.12 29.85
CA MET C 300 -8.34 9.65 27.78
CA PHE C 301 -4.97 10.48 29.22
CA ILE C 302 -2.89 12.63 26.93
CA CYS C 303 0.81 12.52 27.34
CA CYS C 304 3.01 15.03 25.59
CA SER C 305 6.68 15.75 25.91
CA PRO C 306 7.70 19.29 25.93
CA SER C 307 10.53 18.80 23.52
CA SER C 308 10.57 20.86 20.35
CA TYR C 309 12.12 17.64 19.30
CA ASN C 310 8.74 16.09 19.49
CA ASP C 311 7.27 19.53 19.24
CA ALA C 312 5.64 18.37 16.08
CA GLU C 313 3.81 15.19 17.01
CA THR C 314 3.13 16.75 20.30
CA LYS C 315 0.77 18.89 18.39
CA SER C 316 -0.63 15.66 17.05
CA THR C 317 -1.31 13.87 20.29
CA LEU C 318 -2.82 17.18 21.36
CA MET C 319 -5.25 17.65 18.48
CA PHE C 320 -6.04 14.06 19.01
CA GLY C 321 -6.94 14.64 22.64
CA GLN C 322 -8.68 17.63 21.23
CA ARG C 323 -11.18 16.06 18.85
CA ALA C 324 -11.18 13.18 21.29
CA LYS C 325 -13.33 15.11 23.72
CA THR C 326 -16.21 16.03 21.49
CA ILE C 327 -17.22 12.46 20.98
CA LYS C 328 -19.89 11.59 23.41
CA ASN C 329 -21.18 8.32 24.63
CA THR C 330 -24.27 6.33 25.34
CA ALA C 331 -23.94 6.17 29.07
CA SER C 332 -26.74 4.04 30.23
CA VAL C 333 -26.62 2.48 33.60
CA ASN C 334 -25.83 -1.15 33.23
CA LEU C 335 -29.01 -2.99 33.96
CA GLU C 336 -27.29 -6.30 33.71
CA LEU C 337 -30.07 -7.44 35.96
CA THR C 338 -30.66 -10.91 37.23
#